data_8UAY
#
_entry.id   8UAY
#
_cell.length_a   99.508
_cell.length_b   31.128
_cell.length_c   68.575
_cell.angle_alpha   90.00
_cell.angle_beta   91.75
_cell.angle_gamma   90.00
#
_symmetry.space_group_name_H-M   'C 1 2 1'
#
loop_
_entity.id
_entity.type
_entity.pdbx_description
1 polymer 'Ribonuclease pancreatic'
2 non-polymer '(2S)-2-{[(R)-{[(2R,3S,4R,5R)-5-(6-amino-9H-purin-9-yl)-3,4-dihydroxyoxolan-2-yl]methoxy}(hydroxy)phosphoryl]amino}-5-carbamimidamidopentanoic acid (non-preferred name)'
3 non-polymer DI(HYDROXYETHYL)ETHER
4 water water
#
_entity_poly.entity_id   1
_entity_poly.type   'polypeptide(L)'
_entity_poly.pdbx_seq_one_letter_code
;KETAAAKFERQHMDSSTSAASSSNYCNQMMKSRNLTKDRCKPVNTFVHESLADVQAVCSQKNVACKNGQTNCYQSYSTMS
ITDCRETGSSKYPNCAYKTTQANKHIIVACEGNPYVPVHFDASV
;
_entity_poly.pdbx_strand_id   A,B
#
loop_
_chem_comp.id
_chem_comp.type
_chem_comp.name
_chem_comp.formula
PEG non-polymer DI(HYDROXYETHYL)ETHER 'C4 H10 O3'
WF9 non-polymer '(2S)-2-{[(R)-{[(2R,3S,4R,5R)-5-(6-amino-9H-purin-9-yl)-3,4-dihydroxyoxolan-2-yl]methoxy}(hydroxy)phosphoryl]amino}-5-carbamimidamidopentanoic acid (non-preferred name)' 'C16 H26 N9 O8 P'
#
# COMPACT_ATOMS: atom_id res chain seq x y z
N LYS A 1 15.34 -14.81 17.71
CA LYS A 1 15.99 -13.52 17.37
C LYS A 1 15.03 -12.69 16.53
N GLU A 2 14.98 -11.37 16.80
CA GLU A 2 14.03 -10.47 16.17
C GLU A 2 14.26 -10.43 14.66
N THR A 3 13.19 -10.71 13.89
CA THR A 3 13.21 -10.56 12.44
C THR A 3 13.09 -9.08 12.08
N ALA A 4 13.45 -8.74 10.84
CA ALA A 4 13.40 -7.35 10.42
C ALA A 4 11.96 -6.84 10.49
N ALA A 5 10.99 -7.72 10.19
CA ALA A 5 9.58 -7.39 10.18
C ALA A 5 9.08 -7.14 11.62
N ALA A 6 9.47 -8.02 12.55
CA ALA A 6 9.16 -7.86 13.95
C ALA A 6 9.70 -6.51 14.47
N LYS A 7 10.90 -6.15 14.01
CA LYS A 7 11.57 -4.97 14.52
C LYS A 7 10.80 -3.74 14.06
N PHE A 8 10.32 -3.77 12.81
CA PHE A 8 9.53 -2.65 12.33
C PHE A 8 8.27 -2.52 13.16
N GLU A 9 7.71 -3.65 13.62
CA GLU A 9 6.47 -3.63 14.37
C GLU A 9 6.72 -3.02 15.75
N ARG A 10 7.79 -3.45 16.40
CA ARG A 10 8.14 -2.93 17.72
C ARG A 10 8.49 -1.44 17.62
N GLN A 11 9.16 -1.05 16.54
CA GLN A 11 9.65 0.32 16.48
C GLN A 11 8.56 1.30 16.02
N HIS A 12 7.56 0.81 15.25
CA HIS A 12 6.77 1.73 14.44
C HIS A 12 5.26 1.50 14.55
N MET A 13 4.84 0.30 14.95
CA MET A 13 3.42 -0.02 14.92
C MET A 13 2.82 0.33 16.30
N ASP A 14 1.81 1.19 16.30
CA ASP A 14 1.00 1.43 17.48
C ASP A 14 -0.45 1.62 17.03
N SER A 15 -1.12 0.49 16.77
CA SER A 15 -2.44 0.46 16.14
C SER A 15 -3.49 0.91 17.16
N SER A 16 -4.15 2.05 16.94
CA SER A 16 -4.87 2.67 18.05
C SER A 16 -5.56 3.98 17.64
N THR A 17 -5.70 4.23 16.34
CA THR A 17 -6.45 5.39 15.87
C THR A 17 -5.60 6.66 15.97
N SER A 18 -5.01 6.88 17.15
CA SER A 18 -4.28 8.12 17.45
C SER A 18 -3.39 7.88 18.68
N ALA A 19 -2.42 8.78 18.90
CA ALA A 19 -1.57 8.68 20.07
C ALA A 19 -2.44 8.75 21.32
N ALA A 20 -2.31 7.75 22.20
CA ALA A 20 -2.89 7.80 23.54
C ALA A 20 -1.82 7.42 24.55
N SER A 21 -1.77 8.14 25.67
CA SER A 21 -0.80 7.83 26.69
C SER A 21 -1.09 8.64 27.96
N SER A 22 -0.35 8.31 29.01
CA SER A 22 -0.66 8.71 30.38
C SER A 22 -0.13 10.12 30.65
N SER A 23 0.98 10.48 30.00
CA SER A 23 1.79 11.61 30.43
C SER A 23 2.34 12.39 29.24
N ASN A 24 3.12 11.70 28.40
CA ASN A 24 3.88 12.28 27.32
C ASN A 24 4.19 11.15 26.35
N TYR A 25 3.49 11.15 25.20
CA TYR A 25 3.35 9.95 24.40
C TYR A 25 4.73 9.47 23.96
N CYS A 26 5.54 10.39 23.42
CA CYS A 26 6.82 10.00 22.89
C CYS A 26 7.76 9.52 23.99
N ASN A 27 7.89 10.29 25.07
CA ASN A 27 8.79 9.90 26.15
C ASN A 27 8.45 8.48 26.61
N GLN A 28 7.15 8.17 26.76
CA GLN A 28 6.72 6.85 27.23
C GLN A 28 6.99 5.78 26.18
N MET A 29 6.66 6.08 24.92
CA MET A 29 6.67 5.06 23.88
C MET A 29 8.11 4.75 23.47
N MET A 30 8.93 5.79 23.40
CA MET A 30 10.32 5.62 23.01
C MET A 30 11.02 4.71 24.04
N LYS A 31 10.65 4.87 25.33
CA LYS A 31 11.17 4.00 26.37
C LYS A 31 10.61 2.58 26.24
N SER A 32 9.27 2.44 26.19
CA SER A 32 8.63 1.15 26.30
C SER A 32 8.98 0.27 25.10
N ARG A 33 9.25 0.90 23.95
CA ARG A 33 9.56 0.15 22.74
C ARG A 33 11.07 -0.07 22.64
N ASN A 34 11.80 0.27 23.71
CA ASN A 34 13.22 -0.05 23.81
C ASN A 34 14.04 0.81 22.86
N LEU A 35 13.59 2.03 22.59
CA LEU A 35 14.27 2.89 21.65
C LEU A 35 15.15 3.90 22.40
N THR A 36 15.28 3.70 23.71
CA THR A 36 16.10 4.56 24.55
C THR A 36 17.16 3.70 25.27
N LYS A 37 17.18 2.41 24.94
CA LYS A 37 18.02 1.46 25.67
C LYS A 37 19.50 1.84 25.52
N ASP A 38 20.04 1.69 24.31
CA ASP A 38 21.47 1.81 24.12
C ASP A 38 21.83 3.22 23.66
N ARG A 39 20.80 4.00 23.27
CA ARG A 39 20.91 5.43 23.07
C ARG A 39 19.52 6.01 22.92
N CYS A 40 19.43 7.35 22.85
CA CYS A 40 18.19 8.00 22.45
C CYS A 40 18.07 7.89 20.92
N LYS A 41 17.24 6.96 20.43
CA LYS A 41 16.91 7.04 19.02
C LYS A 41 16.43 8.47 18.73
N PRO A 42 17.07 9.20 17.80
CA PRO A 42 16.81 10.63 17.64
C PRO A 42 15.43 10.96 17.10
N VAL A 43 14.97 10.19 16.10
CA VAL A 43 13.65 10.41 15.52
C VAL A 43 13.01 9.03 15.34
N ASN A 44 11.72 8.93 15.66
CA ASN A 44 10.96 7.72 15.42
C ASN A 44 9.51 8.06 15.07
N THR A 45 8.97 7.41 14.04
CA THR A 45 7.57 7.53 13.69
C THR A 45 6.79 6.31 14.17
N PHE A 46 5.67 6.56 14.86
CA PHE A 46 4.69 5.54 15.16
C PHE A 46 3.49 5.67 14.24
N VAL A 47 2.99 4.52 13.80
CA VAL A 47 1.86 4.49 12.87
C VAL A 47 0.64 3.89 13.57
N HIS A 48 -0.49 4.59 13.45
CA HIS A 48 -1.68 4.26 14.24
C HIS A 48 -2.75 3.67 13.34
N GLU A 49 -2.33 2.82 12.41
CA GLU A 49 -3.25 2.12 11.54
C GLU A 49 -3.12 0.65 11.90
N SER A 50 -3.98 -0.22 11.34
CA SER A 50 -3.84 -1.66 11.55
C SER A 50 -2.56 -2.17 10.89
N LEU A 51 -2.07 -3.32 11.38
CA LEU A 51 -0.93 -3.94 10.77
C LEU A 51 -1.26 -4.26 9.31
N ALA A 52 -2.51 -4.64 9.04
CA ALA A 52 -2.90 -5.06 7.70
C ALA A 52 -2.78 -3.89 6.71
N ASP A 53 -3.26 -2.71 7.11
CA ASP A 53 -3.21 -1.53 6.27
C ASP A 53 -1.77 -1.07 6.04
N VAL A 54 -0.91 -1.26 7.05
CA VAL A 54 0.47 -0.86 6.88
C VAL A 54 1.17 -1.83 5.95
N GLN A 55 0.94 -3.14 6.16
CA GLN A 55 1.56 -4.14 5.32
C GLN A 55 1.11 -3.95 3.87
N ALA A 56 -0.12 -3.48 3.70
CA ALA A 56 -0.71 -3.28 2.38
C ALA A 56 0.12 -2.28 1.56
N VAL A 57 0.85 -1.40 2.25
CA VAL A 57 1.54 -0.31 1.56
C VAL A 57 2.62 -0.89 0.64
N CYS A 58 3.11 -2.11 0.96
CA CYS A 58 4.17 -2.72 0.16
C CYS A 58 3.72 -3.01 -1.28
N SER A 59 2.40 -2.98 -1.53
CA SER A 59 1.92 -3.18 -2.88
C SER A 59 1.21 -1.93 -3.41
N GLN A 60 1.54 -0.78 -2.83
CA GLN A 60 0.99 0.50 -3.25
C GLN A 60 2.03 1.25 -4.08
N LYS A 61 2.19 2.55 -3.88
CA LYS A 61 2.95 3.33 -4.86
C LYS A 61 4.46 3.10 -4.66
N ASN A 62 5.12 2.52 -5.68
CA ASN A 62 6.57 2.31 -5.60
C ASN A 62 7.29 3.65 -5.77
N VAL A 63 8.14 3.99 -4.79
CA VAL A 63 8.92 5.22 -4.82
C VAL A 63 10.37 4.92 -4.43
N ALA A 64 11.29 5.82 -4.78
CA ALA A 64 12.66 5.69 -4.30
C ALA A 64 12.70 5.96 -2.80
N CYS A 65 13.52 5.15 -2.09
CA CYS A 65 13.91 5.39 -0.70
C CYS A 65 14.90 6.55 -0.63
N LYS A 66 14.91 7.22 0.53
CA LYS A 66 15.83 8.31 0.85
C LYS A 66 17.30 7.91 0.65
N ASN A 67 17.62 6.62 0.83
CA ASN A 67 19.00 6.19 0.76
C ASN A 67 19.35 5.68 -0.65
N GLY A 68 18.38 5.74 -1.58
CA GLY A 68 18.65 5.44 -2.97
C GLY A 68 18.21 4.02 -3.37
N GLN A 69 17.68 3.26 -2.41
CA GLN A 69 17.11 1.95 -2.75
C GLN A 69 15.79 2.19 -3.49
N THR A 70 15.29 1.17 -4.17
CA THR A 70 14.08 1.36 -4.95
C THR A 70 12.92 0.57 -4.35
N ASN A 71 13.12 -0.01 -3.17
CA ASN A 71 12.13 -0.88 -2.55
C ASN A 71 11.32 -0.14 -1.49
N CYS A 72 10.92 1.12 -1.76
CA CYS A 72 10.08 1.85 -0.84
C CYS A 72 8.71 2.09 -1.45
N TYR A 73 7.71 2.30 -0.57
CA TYR A 73 6.33 2.36 -1.02
C TYR A 73 5.60 3.44 -0.25
N GLN A 74 4.85 4.26 -1.01
CA GLN A 74 4.07 5.35 -0.45
C GLN A 74 2.60 4.91 -0.38
N SER A 75 1.95 5.18 0.76
CA SER A 75 0.55 4.86 0.93
C SER A 75 -0.32 5.76 0.03
N TYR A 76 -1.40 5.19 -0.53
CA TYR A 76 -2.37 5.95 -1.31
C TYR A 76 -3.23 6.85 -0.43
N SER A 77 -3.52 6.41 0.79
CA SER A 77 -4.34 7.21 1.70
C SER A 77 -3.46 7.82 2.79
N THR A 78 -3.88 8.98 3.30
CA THR A 78 -3.22 9.52 4.49
C THR A 78 -3.38 8.52 5.63
N MET A 79 -2.40 8.49 6.56
CA MET A 79 -2.46 7.60 7.71
C MET A 79 -2.16 8.38 8.99
N SER A 80 -2.82 7.98 10.08
CA SER A 80 -2.59 8.55 11.40
C SER A 80 -1.21 8.16 11.89
N ILE A 81 -0.39 9.17 12.20
CA ILE A 81 0.94 8.88 12.69
C ILE A 81 1.27 9.87 13.81
N THR A 82 2.27 9.51 14.60
CA THR A 82 2.91 10.42 15.52
C THR A 82 4.42 10.42 15.30
N ASP A 83 4.97 11.62 15.20
CA ASP A 83 6.40 11.85 15.08
C ASP A 83 6.95 12.09 16.49
N CYS A 84 8.03 11.39 16.82
CA CYS A 84 8.82 11.64 18.03
C CYS A 84 10.22 12.10 17.63
N ARG A 85 10.61 13.26 18.17
CA ARG A 85 11.89 13.87 17.85
C ARG A 85 12.50 14.38 19.14
N GLU A 86 13.78 14.06 19.35
CA GLU A 86 14.45 14.30 20.61
C GLU A 86 14.64 15.80 20.79
N THR A 87 14.31 16.31 21.99
CA THR A 87 14.49 17.72 22.33
C THR A 87 15.99 18.06 22.42
N GLY A 88 16.29 19.37 22.46
CA GLY A 88 17.65 19.86 22.58
C GLY A 88 18.29 19.51 23.92
N SER A 89 17.49 19.47 24.98
CA SER A 89 18.03 19.21 26.30
C SER A 89 18.04 17.71 26.59
N SER A 90 17.69 16.90 25.58
CA SER A 90 17.63 15.46 25.77
C SER A 90 19.05 14.91 25.80
N LYS A 91 19.34 14.10 26.81
CA LYS A 91 20.66 13.48 26.92
C LYS A 91 20.53 12.09 27.51
N TYR A 92 20.97 11.10 26.75
CA TYR A 92 20.94 9.72 27.18
C TYR A 92 21.68 9.61 28.52
N PRO A 93 21.14 8.82 29.47
CA PRO A 93 19.95 8.02 29.25
C PRO A 93 18.64 8.69 29.69
N ASN A 94 18.68 10.02 29.87
CA ASN A 94 17.51 10.82 30.19
C ASN A 94 16.84 11.31 28.89
N CYS A 95 16.39 10.38 28.04
CA CYS A 95 15.90 10.73 26.72
C CYS A 95 14.57 11.48 26.83
N ALA A 96 14.43 12.60 26.10
CA ALA A 96 13.21 13.39 26.10
C ALA A 96 12.87 13.84 24.67
N TYR A 97 11.56 13.86 24.36
CA TYR A 97 11.06 13.94 22.98
C TYR A 97 10.00 15.02 22.85
N LYS A 98 9.89 15.57 21.63
CA LYS A 98 8.71 16.34 21.29
C LYS A 98 7.76 15.47 20.47
N THR A 99 6.48 15.48 20.88
CA THR A 99 5.39 14.75 20.26
C THR A 99 4.70 15.62 19.19
N THR A 100 4.69 15.15 17.93
CA THR A 100 3.93 15.81 16.87
C THR A 100 3.02 14.78 16.19
N GLN A 101 1.70 15.03 16.27
CA GLN A 101 0.71 14.15 15.67
C GLN A 101 0.39 14.67 14.29
N ALA A 102 0.09 13.75 13.36
CA ALA A 102 -0.05 14.13 11.97
C ALA A 102 -0.85 13.05 11.23
N ASN A 103 -1.54 13.46 10.17
CA ASN A 103 -2.03 12.51 9.19
C ASN A 103 -1.35 12.79 7.86
N LYS A 104 -0.56 11.83 7.43
CA LYS A 104 0.25 11.98 6.25
C LYS A 104 0.28 10.67 5.49
N HIS A 105 0.76 10.72 4.25
CA HIS A 105 1.14 9.51 3.53
C HIS A 105 2.45 8.97 4.09
N ILE A 106 2.49 7.68 4.39
CA ILE A 106 3.74 7.11 4.86
C ILE A 106 4.49 6.51 3.67
N ILE A 107 5.82 6.50 3.78
CA ILE A 107 6.68 5.73 2.89
C ILE A 107 7.49 4.75 3.74
N VAL A 108 7.35 3.46 3.43
CA VAL A 108 8.09 2.40 4.12
C VAL A 108 8.99 1.68 3.10
N ALA A 109 10.12 1.14 3.56
CA ALA A 109 10.83 0.19 2.73
C ALA A 109 10.35 -1.21 3.12
N CYS A 110 10.21 -2.08 2.11
CA CYS A 110 9.70 -3.43 2.29
C CYS A 110 10.71 -4.44 1.78
N GLU A 111 10.76 -5.61 2.42
CA GLU A 111 11.77 -6.61 2.14
C GLU A 111 11.22 -7.99 2.48
N GLY A 112 11.71 -9.00 1.77
CA GLY A 112 11.60 -10.37 2.23
C GLY A 112 10.47 -11.12 1.53
N ASN A 113 10.30 -12.40 1.92
CA ASN A 113 9.17 -13.19 1.49
C ASN A 113 8.48 -13.79 2.71
N PRO A 114 7.30 -13.28 3.13
CA PRO A 114 6.53 -12.31 2.35
C PRO A 114 7.11 -10.89 2.44
N TYR A 115 6.67 -10.04 1.51
CA TYR A 115 7.25 -8.71 1.33
C TYR A 115 6.52 -7.72 2.22
N VAL A 116 7.15 -7.33 3.32
CA VAL A 116 6.48 -6.54 4.36
C VAL A 116 7.40 -5.40 4.78
N PRO A 117 6.89 -4.39 5.54
CA PRO A 117 7.67 -3.21 5.91
C PRO A 117 8.75 -3.58 6.93
N VAL A 118 9.95 -3.02 6.74
CA VAL A 118 11.08 -3.30 7.61
C VAL A 118 11.69 -1.98 8.06
N HIS A 119 11.23 -0.87 7.46
CA HIS A 119 11.88 0.39 7.68
C HIS A 119 10.91 1.51 7.37
N PHE A 120 10.94 2.53 8.23
CA PHE A 120 10.06 3.67 8.01
C PHE A 120 10.87 4.80 7.38
N ASP A 121 10.48 5.23 6.17
CA ASP A 121 11.36 6.05 5.36
C ASP A 121 11.04 7.53 5.48
N ALA A 122 9.76 7.90 5.36
CA ALA A 122 9.38 9.31 5.33
C ALA A 122 7.87 9.43 5.48
N SER A 123 7.39 10.64 5.83
CA SER A 123 5.98 10.95 5.66
C SER A 123 5.82 12.15 4.74
N VAL A 124 4.77 12.12 3.91
CA VAL A 124 4.65 13.09 2.83
C VAL A 124 3.24 13.70 2.91
N LYS B 1 -0.69 15.45 -12.27
CA LYS B 1 -1.38 14.65 -11.23
C LYS B 1 -0.71 13.28 -11.14
N GLU B 2 -1.50 12.22 -11.32
CA GLU B 2 -1.01 10.85 -11.29
C GLU B 2 -0.98 10.32 -12.73
N THR B 3 0.17 9.75 -13.11
CA THR B 3 0.36 9.22 -14.45
C THR B 3 -0.53 7.99 -14.65
N ALA B 4 -0.78 7.64 -15.91
CA ALA B 4 -1.75 6.59 -16.18
C ALA B 4 -1.15 5.25 -15.75
N ALA B 5 0.17 5.11 -15.90
CA ALA B 5 0.84 3.88 -15.48
C ALA B 5 0.68 3.71 -13.97
N ALA B 6 0.74 4.82 -13.24
CA ALA B 6 0.62 4.79 -11.78
C ALA B 6 -0.82 4.50 -11.40
N LYS B 7 -1.76 5.22 -12.03
CA LYS B 7 -3.18 4.98 -11.84
C LYS B 7 -3.50 3.50 -12.05
N PHE B 8 -2.92 2.90 -13.09
CA PHE B 8 -3.13 1.48 -13.36
C PHE B 8 -2.71 0.62 -12.15
N GLU B 9 -1.55 0.92 -11.55
CA GLU B 9 -1.07 0.11 -10.44
C GLU B 9 -1.98 0.32 -9.22
N ARG B 10 -2.45 1.55 -9.02
CA ARG B 10 -3.35 1.80 -7.90
C ARG B 10 -4.65 1.01 -8.09
N GLN B 11 -5.17 0.96 -9.33
CA GLN B 11 -6.53 0.51 -9.54
C GLN B 11 -6.55 -1.00 -9.69
N HIS B 12 -5.43 -1.60 -10.17
CA HIS B 12 -5.53 -2.87 -10.87
C HIS B 12 -4.54 -3.91 -10.34
N MET B 13 -3.51 -3.47 -9.59
CA MET B 13 -2.47 -4.37 -9.10
C MET B 13 -2.68 -4.62 -7.61
N ASP B 14 -2.81 -5.91 -7.24
CA ASP B 14 -2.51 -6.28 -5.87
C ASP B 14 -1.67 -7.54 -5.82
N SER B 15 -0.35 -7.36 -5.72
CA SER B 15 0.58 -8.46 -5.69
C SER B 15 0.75 -9.00 -4.27
N SER B 16 -0.11 -8.51 -3.37
CA SER B 16 -0.08 -8.84 -1.94
C SER B 16 -0.41 -10.31 -1.73
N THR B 17 -1.42 -10.80 -2.47
CA THR B 17 -1.94 -12.14 -2.28
C THR B 17 -2.01 -12.87 -3.62
N SER B 18 -2.09 -14.20 -3.54
CA SER B 18 -2.27 -15.04 -4.70
C SER B 18 -3.76 -15.14 -5.08
N ALA B 19 -4.62 -14.61 -4.19
CA ALA B 19 -6.06 -14.55 -4.45
C ALA B 19 -6.79 -13.86 -3.31
N ALA B 20 -7.98 -13.33 -3.62
CA ALA B 20 -8.83 -12.64 -2.67
C ALA B 20 -8.98 -13.45 -1.39
N SER B 21 -8.67 -12.82 -0.25
CA SER B 21 -8.48 -13.49 1.01
C SER B 21 -9.83 -13.81 1.63
N SER B 22 -10.83 -12.96 1.36
CA SER B 22 -12.15 -13.10 1.93
C SER B 22 -13.19 -12.48 1.00
N SER B 23 -14.46 -12.79 1.27
CA SER B 23 -15.56 -12.16 0.58
C SER B 23 -15.58 -10.66 0.85
N ASN B 24 -14.79 -10.23 1.85
CA ASN B 24 -14.72 -8.83 2.25
C ASN B 24 -13.56 -8.14 1.50
N TYR B 25 -12.90 -8.91 0.62
CA TYR B 25 -11.71 -8.42 -0.08
C TYR B 25 -12.05 -7.13 -0.80
N CYS B 26 -13.07 -7.19 -1.67
CA CYS B 26 -13.35 -6.11 -2.59
C CYS B 26 -13.71 -4.86 -1.79
N ASN B 27 -14.60 -5.03 -0.79
CA ASN B 27 -15.12 -3.93 0.02
C ASN B 27 -13.96 -3.10 0.55
N GLN B 28 -12.91 -3.80 0.99
CA GLN B 28 -11.77 -3.19 1.66
C GLN B 28 -10.76 -2.70 0.63
N MET B 29 -10.49 -3.52 -0.39
CA MET B 29 -9.50 -3.14 -1.38
C MET B 29 -9.98 -1.92 -2.17
N MET B 30 -11.28 -1.91 -2.54
CA MET B 30 -11.87 -0.83 -3.32
C MET B 30 -11.74 0.49 -2.56
N LYS B 31 -11.88 0.41 -1.24
CA LYS B 31 -11.80 1.58 -0.36
C LYS B 31 -10.37 2.08 -0.29
N SER B 32 -9.42 1.16 -0.09
CA SER B 32 -8.05 1.56 0.20
C SER B 32 -7.35 2.07 -1.05
N ARG B 33 -7.86 1.67 -2.23
CA ARG B 33 -7.24 2.09 -3.46
C ARG B 33 -7.90 3.38 -3.95
N ASN B 34 -8.69 4.01 -3.07
CA ASN B 34 -9.30 5.32 -3.29
C ASN B 34 -10.28 5.27 -4.45
N LEU B 35 -10.87 4.10 -4.65
CA LEU B 35 -11.79 3.83 -5.75
C LEU B 35 -13.22 4.07 -5.30
N THR B 36 -13.40 4.50 -4.05
CA THR B 36 -14.72 4.78 -3.51
C THR B 36 -14.77 6.20 -2.95
N LYS B 37 -13.92 7.08 -3.50
CA LYS B 37 -13.53 8.30 -2.80
C LYS B 37 -14.62 9.35 -2.93
N ASP B 38 -15.28 9.40 -4.08
CA ASP B 38 -16.30 10.41 -4.34
C ASP B 38 -17.55 9.76 -4.93
N ARG B 39 -17.38 8.56 -5.50
CA ARG B 39 -18.49 7.72 -5.91
C ARG B 39 -18.08 6.25 -5.73
N CYS B 40 -19.03 5.34 -5.95
CA CYS B 40 -18.75 3.92 -5.94
C CYS B 40 -18.38 3.46 -7.34
N LYS B 41 -17.07 3.31 -7.58
CA LYS B 41 -16.64 2.66 -8.80
C LYS B 41 -17.36 1.33 -8.93
N PRO B 42 -18.31 1.21 -9.87
CA PRO B 42 -19.15 0.01 -9.96
C PRO B 42 -18.36 -1.28 -10.10
N VAL B 43 -17.50 -1.34 -11.13
CA VAL B 43 -16.75 -2.55 -11.45
C VAL B 43 -15.26 -2.19 -11.48
N ASN B 44 -14.44 -3.12 -11.01
CA ASN B 44 -13.00 -2.93 -11.01
C ASN B 44 -12.36 -4.29 -10.77
N THR B 45 -11.25 -4.54 -11.48
CA THR B 45 -10.52 -5.79 -11.37
C THR B 45 -9.13 -5.56 -10.80
N PHE B 46 -8.77 -6.39 -9.82
CA PHE B 46 -7.42 -6.47 -9.30
C PHE B 46 -6.75 -7.72 -9.85
N VAL B 47 -5.44 -7.61 -10.11
CA VAL B 47 -4.67 -8.74 -10.61
C VAL B 47 -3.69 -9.17 -9.52
N HIS B 48 -3.71 -10.48 -9.23
CA HIS B 48 -2.85 -11.09 -8.23
C HIS B 48 -1.75 -11.89 -8.92
N GLU B 49 -0.85 -11.15 -9.57
CA GLU B 49 0.42 -11.65 -10.05
C GLU B 49 1.47 -10.58 -9.78
N SER B 50 2.74 -10.95 -9.94
CA SER B 50 3.83 -9.99 -9.78
C SER B 50 3.67 -8.84 -10.76
N LEU B 51 4.27 -7.69 -10.45
CA LEU B 51 4.20 -6.53 -11.34
C LEU B 51 4.94 -6.85 -12.64
N ALA B 52 5.99 -7.66 -12.53
CA ALA B 52 6.78 -8.01 -13.70
C ALA B 52 5.92 -8.79 -14.68
N ASP B 53 5.08 -9.67 -14.15
CA ASP B 53 4.32 -10.59 -14.98
C ASP B 53 3.22 -9.82 -15.71
N VAL B 54 2.63 -8.85 -15.01
CA VAL B 54 1.58 -8.02 -15.59
C VAL B 54 2.14 -7.12 -16.68
N GLN B 55 3.21 -6.38 -16.37
CA GLN B 55 3.92 -5.56 -17.35
C GLN B 55 4.31 -6.40 -18.57
N ALA B 56 4.65 -7.67 -18.34
CA ALA B 56 5.03 -8.62 -19.37
C ALA B 56 3.95 -8.73 -20.43
N VAL B 57 2.70 -8.46 -20.05
CA VAL B 57 1.59 -8.67 -20.96
C VAL B 57 1.74 -7.78 -22.19
N CYS B 58 2.45 -6.66 -22.00
CA CYS B 58 2.58 -5.63 -23.03
C CYS B 58 3.49 -6.12 -24.16
N SER B 59 4.05 -7.32 -23.99
CA SER B 59 4.80 -7.96 -25.05
C SER B 59 4.14 -9.29 -25.46
N GLN B 60 2.85 -9.43 -25.14
CA GLN B 60 2.15 -10.67 -25.42
C GLN B 60 1.29 -10.52 -26.68
N LYS B 61 0.05 -11.02 -26.66
CA LYS B 61 -0.72 -11.07 -27.89
C LYS B 61 -1.37 -9.72 -28.14
N ASN B 62 -0.98 -9.06 -29.23
CA ASN B 62 -1.57 -7.80 -29.62
C ASN B 62 -3.01 -8.05 -30.06
N VAL B 63 -3.94 -7.27 -29.48
CA VAL B 63 -5.36 -7.32 -29.78
C VAL B 63 -5.87 -5.88 -29.86
N ALA B 64 -7.03 -5.72 -30.48
CA ALA B 64 -7.73 -4.46 -30.44
C ALA B 64 -8.30 -4.22 -29.04
N CYS B 65 -8.28 -2.95 -28.61
CA CYS B 65 -8.99 -2.50 -27.44
C CYS B 65 -10.46 -2.33 -27.80
N LYS B 66 -11.33 -2.34 -26.79
CA LYS B 66 -12.76 -2.13 -26.97
C LYS B 66 -13.00 -0.86 -27.78
N ASN B 67 -12.12 0.13 -27.60
CA ASN B 67 -12.38 1.48 -28.11
C ASN B 67 -11.77 1.63 -29.50
N GLY B 68 -11.20 0.54 -30.02
CA GLY B 68 -10.76 0.50 -31.42
C GLY B 68 -9.27 0.76 -31.58
N GLN B 69 -8.59 1.11 -30.48
CA GLN B 69 -7.13 1.21 -30.49
C GLN B 69 -6.52 -0.18 -30.66
N THR B 70 -5.26 -0.23 -31.11
CA THR B 70 -4.56 -1.49 -31.30
C THR B 70 -3.30 -1.54 -30.44
N ASN B 71 -3.32 -0.86 -29.29
CA ASN B 71 -2.22 -0.95 -28.34
C ASN B 71 -2.69 -1.77 -27.13
N CYS B 72 -3.42 -2.85 -27.40
CA CYS B 72 -3.91 -3.73 -26.35
C CYS B 72 -3.32 -5.12 -26.51
N TYR B 73 -3.31 -5.86 -25.41
CA TYR B 73 -2.56 -7.11 -25.34
C TYR B 73 -3.27 -8.05 -24.40
N GLN B 74 -3.36 -9.33 -24.81
CA GLN B 74 -4.01 -10.36 -24.01
C GLN B 74 -2.92 -11.26 -23.41
N SER B 75 -2.96 -11.46 -22.08
CA SER B 75 -1.95 -12.30 -21.46
C SER B 75 -2.05 -13.70 -22.05
N TYR B 76 -0.89 -14.34 -22.28
CA TYR B 76 -0.86 -15.70 -22.80
C TYR B 76 -1.50 -16.63 -21.77
N SER B 77 -1.15 -16.40 -20.50
CA SER B 77 -1.57 -17.23 -19.37
C SER B 77 -2.79 -16.62 -18.71
N THR B 78 -3.70 -17.48 -18.27
CA THR B 78 -4.68 -17.14 -17.26
C THR B 78 -3.96 -16.54 -16.05
N MET B 79 -4.62 -15.60 -15.37
CA MET B 79 -4.01 -14.98 -14.21
C MET B 79 -5.04 -14.95 -13.09
N SER B 80 -4.57 -15.10 -11.84
CA SER B 80 -5.41 -14.92 -10.67
C SER B 80 -5.89 -13.48 -10.59
N ILE B 81 -7.20 -13.28 -10.74
CA ILE B 81 -7.79 -11.96 -10.69
C ILE B 81 -8.98 -11.96 -9.73
N THR B 82 -9.30 -10.77 -9.20
CA THR B 82 -10.50 -10.58 -8.39
C THR B 82 -11.40 -9.54 -9.06
N ASP B 83 -12.59 -9.99 -9.49
CA ASP B 83 -13.58 -9.04 -9.98
C ASP B 83 -14.31 -8.43 -8.79
N CYS B 84 -14.35 -7.10 -8.76
CA CYS B 84 -15.15 -6.39 -7.81
C CYS B 84 -16.33 -5.78 -8.54
N ARG B 85 -17.53 -6.20 -8.16
CA ARG B 85 -18.72 -5.60 -8.72
C ARG B 85 -19.61 -5.12 -7.57
N GLU B 86 -20.09 -3.89 -7.71
CA GLU B 86 -20.88 -3.23 -6.68
C GLU B 86 -22.26 -3.88 -6.67
N THR B 87 -22.80 -4.11 -5.47
CA THR B 87 -24.06 -4.84 -5.33
C THR B 87 -25.21 -3.97 -5.85
N GLY B 88 -26.36 -4.61 -6.05
CA GLY B 88 -27.58 -3.92 -6.39
C GLY B 88 -27.99 -2.92 -5.32
N SER B 89 -27.64 -3.23 -4.06
CA SER B 89 -28.13 -2.48 -2.92
C SER B 89 -27.04 -1.57 -2.38
N SER B 90 -26.00 -1.33 -3.20
CA SER B 90 -24.86 -0.54 -2.76
C SER B 90 -25.17 0.94 -2.84
N LYS B 91 -24.84 1.67 -1.77
CA LYS B 91 -25.14 3.08 -1.70
C LYS B 91 -23.94 3.84 -1.13
N TYR B 92 -23.47 4.84 -1.90
CA TYR B 92 -22.35 5.69 -1.53
C TYR B 92 -22.70 6.46 -0.26
N PRO B 93 -21.77 6.58 0.72
CA PRO B 93 -20.37 6.22 0.54
C PRO B 93 -19.98 4.86 1.11
N ASN B 94 -20.94 4.13 1.68
CA ASN B 94 -20.67 2.78 2.14
C ASN B 94 -20.75 1.83 0.95
N CYS B 95 -19.77 1.97 0.04
CA CYS B 95 -19.83 1.30 -1.25
C CYS B 95 -19.63 -0.20 -1.02
N ALA B 96 -20.53 -1.02 -1.59
CA ALA B 96 -20.64 -2.44 -1.28
C ALA B 96 -20.35 -3.28 -2.52
N TYR B 97 -19.45 -4.27 -2.37
CA TYR B 97 -18.93 -5.02 -3.50
C TYR B 97 -19.11 -6.52 -3.27
N LYS B 98 -19.56 -7.22 -4.30
CA LYS B 98 -19.35 -8.66 -4.43
C LYS B 98 -17.90 -8.91 -4.83
N THR B 99 -17.28 -9.90 -4.18
CA THR B 99 -15.93 -10.34 -4.49
C THR B 99 -15.99 -11.61 -5.32
N THR B 100 -15.34 -11.60 -6.48
CA THR B 100 -15.25 -12.78 -7.32
C THR B 100 -13.79 -13.07 -7.65
N GLN B 101 -13.29 -14.20 -7.16
CA GLN B 101 -11.99 -14.72 -7.53
C GLN B 101 -12.15 -15.48 -8.84
N ALA B 102 -11.17 -15.33 -9.74
CA ALA B 102 -11.20 -16.01 -11.02
C ALA B 102 -9.78 -16.27 -11.49
N ASN B 103 -9.64 -17.06 -12.55
CA ASN B 103 -8.36 -17.20 -13.22
C ASN B 103 -8.56 -16.98 -14.72
N LYS B 104 -8.35 -15.74 -15.16
CA LYS B 104 -8.69 -15.33 -16.51
C LYS B 104 -7.45 -14.74 -17.19
N HIS B 105 -7.42 -14.78 -18.52
CA HIS B 105 -6.47 -13.96 -19.26
C HIS B 105 -6.93 -12.51 -19.14
N ILE B 106 -5.98 -11.57 -19.06
CA ILE B 106 -6.31 -10.17 -18.95
C ILE B 106 -5.95 -9.45 -20.25
N ILE B 107 -6.61 -8.31 -20.49
CA ILE B 107 -6.35 -7.54 -21.67
C ILE B 107 -6.13 -6.09 -21.25
N VAL B 108 -4.95 -5.56 -21.58
CA VAL B 108 -4.54 -4.25 -21.13
C VAL B 108 -4.09 -3.42 -22.32
N ALA B 109 -4.24 -2.10 -22.19
CA ALA B 109 -3.63 -1.14 -23.09
C ALA B 109 -2.30 -0.70 -22.50
N CYS B 110 -1.28 -0.59 -23.35
CA CYS B 110 0.05 -0.22 -22.86
C CYS B 110 0.55 1.04 -23.58
N GLU B 111 1.26 1.89 -22.83
CA GLU B 111 1.89 3.09 -23.37
C GLU B 111 3.22 3.33 -22.66
N GLY B 112 4.17 3.91 -23.40
CA GLY B 112 5.31 4.59 -22.80
C GLY B 112 6.54 3.70 -22.70
N ASN B 113 7.62 4.28 -22.16
CA ASN B 113 8.90 3.63 -21.99
C ASN B 113 9.28 3.78 -20.51
N PRO B 114 9.21 2.70 -19.71
CA PRO B 114 8.90 1.37 -20.22
C PRO B 114 7.44 1.22 -20.69
N TYR B 115 7.23 0.25 -21.59
CA TYR B 115 5.93 -0.03 -22.16
C TYR B 115 5.09 -0.86 -21.18
N VAL B 116 4.18 -0.19 -20.47
CA VAL B 116 3.53 -0.80 -19.33
C VAL B 116 2.03 -0.59 -19.44
N PRO B 117 1.21 -1.39 -18.73
CA PRO B 117 -0.24 -1.20 -18.77
C PRO B 117 -0.67 0.19 -18.31
N VAL B 118 -1.64 0.77 -19.01
CA VAL B 118 -2.19 2.08 -18.64
C VAL B 118 -3.71 1.96 -18.51
N HIS B 119 -4.25 0.81 -18.91
CA HIS B 119 -5.69 0.64 -18.91
C HIS B 119 -6.02 -0.84 -18.84
N PHE B 120 -6.99 -1.18 -17.99
CA PHE B 120 -7.57 -2.51 -17.98
C PHE B 120 -8.73 -2.52 -18.98
N ASP B 121 -8.64 -3.38 -19.98
CA ASP B 121 -9.67 -3.42 -21.01
C ASP B 121 -10.74 -4.43 -20.63
N ALA B 122 -10.30 -5.66 -20.33
CA ALA B 122 -11.18 -6.78 -20.08
C ALA B 122 -10.35 -7.93 -19.50
N SER B 123 -11.04 -9.01 -19.11
CA SER B 123 -10.43 -10.32 -18.92
C SER B 123 -11.20 -11.34 -19.75
N VAL B 124 -10.55 -12.48 -20.07
CA VAL B 124 -11.17 -13.53 -20.84
C VAL B 124 -10.66 -14.89 -20.34
N1 WF9 C . 15.96 0.25 4.33
C2 WF9 C . 16.28 -0.24 5.60
N3 WF9 C . 16.93 0.63 6.51
C4 WF9 C . 17.22 1.89 6.13
C5 WF9 C . 16.89 2.33 4.89
C6 WF9 C . 16.27 1.52 4.01
C8 WF9 C . 17.85 3.95 5.97
N6 WF9 C . 16.00 2.03 2.79
N7 WF9 C . 17.29 3.60 4.80
N9 WF9 C . 17.80 2.88 6.77
C1' WF9 C . 18.25 2.78 8.17
O4' WF9 C . 16.99 2.78 8.85
C2' WF9 C . 18.85 4.06 8.68
O2' WF9 C . 20.24 3.98 8.56
C3' WF9 C . 18.46 4.04 10.15
O3' WF9 C . 19.41 3.26 10.88
C4' WF9 C . 17.18 3.32 10.16
C5' WF9 C . 16.05 4.31 10.34
O5' WF9 C . 14.82 3.62 10.12
P WF9 C . 13.53 4.01 10.98
OP1 WF9 C . 12.49 2.99 10.60
OP2 WF9 C . 13.93 4.19 12.38
N WF9 C . 13.00 5.48 10.29
CA WF9 C . 12.96 6.74 11.07
C WF9 C . 11.49 7.09 11.59
O WF9 C . 11.01 6.38 12.43
OXT WF9 C . 10.89 8.09 11.13
CB WF9 C . 13.36 7.86 10.09
CB WF9 C . 13.70 7.86 10.32
CG WF9 C . 14.87 8.14 10.11
CG WF9 C . 15.21 7.45 10.35
CD WF9 C . 15.64 7.31 9.09
CD WF9 C . 16.10 8.40 9.59
NE WF9 C . 15.09 7.40 7.73
NE WF9 C . 16.55 7.83 8.30
CZ WF9 C . 15.91 7.34 6.65
CZ WF9 C . 15.75 7.39 7.29
NH2 WF9 C . 15.41 7.43 5.41
NH2 WF9 C . 16.31 6.94 6.15
NH1 WF9 C . 17.23 7.21 6.83
NH1 WF9 C . 14.40 7.41 7.40
C1 PEG D . -9.73 1.80 -16.19
O1 PEG D . -8.91 2.54 -17.08
C2 PEG D . -10.94 1.22 -16.87
O2 PEG D . -11.11 -0.14 -16.49
C3 PEG D . -11.77 -0.32 -15.23
C4 PEG D . -12.30 -1.73 -15.11
O4 PEG D . -11.56 -2.53 -14.17
#